data_6X8T
#
_entry.id   6X8T
#
_cell.length_a   1.00
_cell.length_b   1.00
_cell.length_c   1.00
_cell.angle_alpha   90.00
_cell.angle_beta   90.00
_cell.angle_gamma   90.00
#
_symmetry.space_group_name_H-M   'P 1'
#
_entity_poly.entity_id   1
_entity_poly.type   'polypeptide(L)'
_entity_poly.pdbx_seq_one_letter_code
;MTDNAPQLALRDVAARQLANATKTVPQLRTITPRWLVRLLHWTPVEAGIYRVNQVKDASQITVACSERDESELPETFVDY
IDNPREYLLSAVNTVVDVHTRISDLYSNPHDQIREQLRLTIEIMKERQESELINSREYGLLNNVAPGQLVHTRNGAPTPD
DLDELLIRVWKEPAFFLAHPQAIAAFGRECTRRGVPPATVSLFGSSFITWRGVPLIPSDKVPLENGKTKILLLRVGESRQ
GVVGLYQPNLPGEQGMGLSVRFMGINRKALASYLVSLYCSLAVLTDDALAVLDNVDVTQYHTYRYNSGHHHHHH
;
_entity_poly.pdbx_strand_id   A
#
# COMPACT_ATOMS: atom_id res chain seq x y z
N LEU A 8 57.39 -8.69 19.49
CA LEU A 8 56.04 -9.19 19.27
C LEU A 8 55.13 -8.81 20.43
N ALA A 9 53.90 -8.39 20.11
CA ALA A 9 52.95 -7.97 21.13
C ALA A 9 51.63 -8.70 20.97
N LEU A 10 50.62 -8.27 21.72
CA LEU A 10 49.29 -8.85 21.61
C LEU A 10 48.76 -8.68 20.19
N ARG A 11 48.09 -9.71 19.70
CA ARG A 11 47.53 -9.69 18.36
C ARG A 11 46.19 -8.94 18.33
N ASP A 12 45.66 -8.76 17.13
CA ASP A 12 44.37 -8.11 16.98
C ASP A 12 43.22 -9.06 17.21
N VAL A 13 43.33 -10.30 16.72
CA VAL A 13 42.27 -11.29 16.92
C VAL A 13 42.21 -11.72 18.38
N ALA A 14 43.37 -11.95 18.99
CA ALA A 14 43.41 -12.31 20.41
C ALA A 14 42.81 -11.20 21.27
N ALA A 15 43.15 -9.95 20.97
CA ALA A 15 42.58 -8.84 21.72
C ALA A 15 41.09 -8.68 21.43
N ARG A 16 40.68 -8.99 20.21
CA ARG A 16 39.29 -8.89 19.80
C ARG A 16 38.41 -9.93 20.49
N GLN A 17 39.02 -11.01 20.99
CA GLN A 17 38.26 -11.98 21.76
C GLN A 17 37.64 -11.39 23.02
N LEU A 18 38.11 -10.25 23.50
CA LEU A 18 37.61 -9.63 24.71
C LEU A 18 36.65 -8.48 24.44
N ALA A 19 36.24 -8.28 23.20
CA ALA A 19 35.46 -7.11 22.79
C ALA A 19 34.03 -7.50 22.44
N ASN A 20 33.09 -6.63 22.76
CA ASN A 20 31.70 -6.78 22.33
C ASN A 20 31.53 -6.29 20.91
N ALA A 21 30.75 -7.03 20.13
CA ALA A 21 30.29 -6.55 18.84
C ALA A 21 28.96 -5.83 19.01
N THR A 22 28.72 -4.83 18.17
CA THR A 22 27.45 -4.12 18.14
C THR A 22 26.54 -4.85 17.17
N LYS A 23 25.51 -5.52 17.70
CA LYS A 23 24.59 -6.32 16.91
C LYS A 23 23.36 -5.50 16.56
N THR A 24 23.00 -5.48 15.29
CA THR A 24 21.80 -4.79 14.85
C THR A 24 20.61 -5.75 14.85
N VAL A 25 19.41 -5.18 14.89
CA VAL A 25 18.19 -5.96 14.70
C VAL A 25 18.19 -6.42 13.25
N PRO A 26 17.58 -7.56 12.94
CA PRO A 26 17.64 -8.08 11.57
C PRO A 26 17.04 -7.10 10.57
N GLN A 27 17.68 -6.99 9.42
CA GLN A 27 17.27 -6.06 8.37
C GLN A 27 16.47 -6.80 7.32
N LEU A 28 15.33 -6.24 6.95
CA LEU A 28 14.43 -6.83 5.97
C LEU A 28 14.42 -5.93 4.75
N ARG A 29 14.78 -6.48 3.60
CA ARG A 29 14.89 -5.67 2.39
C ARG A 29 13.57 -5.45 1.69
N THR A 30 12.51 -6.16 2.08
CA THR A 30 11.21 -6.02 1.43
C THR A 30 10.35 -4.96 2.08
N ILE A 31 10.86 -4.23 3.07
CA ILE A 31 10.12 -3.14 3.67
C ILE A 31 10.05 -1.98 2.67
N THR A 32 8.85 -1.54 2.38
CA THR A 32 8.61 -0.41 1.51
C THR A 32 7.97 0.72 2.29
N PRO A 33 8.06 1.95 1.81
CA PRO A 33 7.43 3.07 2.54
C PRO A 33 5.93 2.97 2.66
N ARG A 34 5.27 2.17 1.82
CA ARG A 34 3.83 1.93 1.89
C ARG A 34 3.05 3.24 1.92
N TRP A 35 3.20 3.99 0.82
CA TRP A 35 2.63 5.34 0.77
C TRP A 35 1.11 5.31 0.77
N LEU A 36 0.52 4.33 0.08
CA LEU A 36 -0.93 4.32 -0.09
C LEU A 36 -1.65 4.24 1.24
N VAL A 37 -1.18 3.38 2.15
CA VAL A 37 -1.79 3.29 3.46
C VAL A 37 -1.67 4.61 4.20
N ARG A 38 -0.58 5.34 3.96
CA ARG A 38 -0.40 6.62 4.63
C ARG A 38 -1.29 7.71 4.03
N LEU A 39 -1.67 7.56 2.76
CA LEU A 39 -2.43 8.60 2.06
C LEU A 39 -3.93 8.44 2.19
N LEU A 40 -4.42 7.24 2.43
CA LEU A 40 -5.85 7.01 2.53
C LEU A 40 -6.40 7.56 3.84
N HIS A 41 -7.71 7.82 3.83
CA HIS A 41 -8.45 8.13 5.04
C HIS A 41 -9.12 6.84 5.52
N TRP A 42 -9.06 6.61 6.83
CA TRP A 42 -9.57 5.37 7.40
C TRP A 42 -10.76 5.67 8.29
N THR A 43 -11.89 5.02 8.00
CA THR A 43 -13.06 5.16 8.84
C THR A 43 -13.30 3.87 9.62
N PRO A 44 -13.64 3.97 10.90
CA PRO A 44 -13.91 2.76 11.69
C PRO A 44 -15.29 2.18 11.42
N VAL A 45 -15.36 0.87 11.49
CA VAL A 45 -16.59 0.11 11.29
C VAL A 45 -16.87 -0.65 12.58
N GLU A 46 -17.98 -0.31 13.24
CA GLU A 46 -18.18 -0.74 14.62
C GLU A 46 -18.32 -2.26 14.74
N ALA A 47 -19.00 -2.90 13.79
CA ALA A 47 -19.22 -4.34 13.90
C ALA A 47 -19.01 -5.03 12.56
N GLY A 48 -18.01 -4.60 11.81
CA GLY A 48 -17.57 -5.35 10.65
C GLY A 48 -18.44 -5.28 9.42
N ILE A 49 -19.47 -4.44 9.42
CA ILE A 49 -20.36 -4.29 8.27
C ILE A 49 -20.48 -2.80 7.95
N TYR A 50 -20.37 -2.46 6.67
CA TYR A 50 -20.39 -1.08 6.21
C TYR A 50 -21.31 -0.99 4.99
N ARG A 51 -22.42 -0.30 5.13
CA ARG A 51 -23.41 -0.18 4.06
C ARG A 51 -23.29 1.21 3.43
N VAL A 52 -23.15 1.25 2.11
CA VAL A 52 -23.03 2.50 1.38
C VAL A 52 -24.32 2.74 0.63
N ASN A 53 -25.13 3.67 1.13
CA ASN A 53 -26.40 4.03 0.54
C ASN A 53 -26.21 5.03 -0.58
N GLN A 54 -27.06 4.97 -1.59
CA GLN A 54 -26.89 5.80 -2.77
C GLN A 54 -28.22 6.35 -3.25
N VAL A 55 -28.17 7.55 -3.81
CA VAL A 55 -29.32 8.12 -4.51
C VAL A 55 -29.49 7.39 -5.84
N LYS A 56 -30.73 7.01 -6.14
CA LYS A 56 -31.00 6.25 -7.35
C LYS A 56 -31.09 7.17 -8.56
N ASP A 57 -30.40 6.81 -9.64
CA ASP A 57 -30.43 7.55 -10.90
C ASP A 57 -30.08 9.02 -10.68
N ALA A 58 -28.98 9.25 -9.98
CA ALA A 58 -28.52 10.60 -9.70
C ALA A 58 -27.86 11.21 -10.93
N PHE A 77 -38.28 13.45 -7.55
CA PHE A 77 -37.96 13.31 -6.14
C PHE A 77 -36.63 12.58 -5.97
N VAL A 78 -36.14 12.53 -4.73
CA VAL A 78 -34.89 11.87 -4.42
C VAL A 78 -35.20 10.50 -3.84
N ASP A 79 -34.81 9.45 -4.57
CA ASP A 79 -35.03 8.07 -4.17
C ASP A 79 -33.68 7.42 -3.87
N TYR A 80 -33.71 6.39 -3.03
CA TYR A 80 -32.51 5.63 -2.70
C TYR A 80 -32.63 4.24 -3.30
N ILE A 81 -31.48 3.62 -3.55
CA ILE A 81 -31.49 2.25 -4.04
C ILE A 81 -31.79 1.31 -2.89
N ASP A 82 -32.55 0.27 -3.18
CA ASP A 82 -33.01 -0.67 -2.16
C ASP A 82 -32.04 -1.83 -1.93
N ASN A 83 -30.96 -1.91 -2.70
CA ASN A 83 -29.95 -2.96 -2.54
C ASN A 83 -28.57 -2.33 -2.54
N PRO A 84 -28.25 -1.52 -1.53
CA PRO A 84 -26.90 -0.94 -1.45
C PRO A 84 -25.87 -2.01 -1.17
N ARG A 85 -24.65 -1.76 -1.63
CA ARG A 85 -23.52 -2.65 -1.40
C ARG A 85 -23.10 -2.58 0.06
N GLU A 86 -22.78 -3.73 0.64
CA GLU A 86 -22.28 -3.83 2.00
C GLU A 86 -20.88 -4.41 1.98
N TYR A 87 -19.96 -3.76 2.67
CA TYR A 87 -18.57 -4.18 2.73
C TYR A 87 -18.32 -4.90 4.04
N LEU A 88 -17.90 -6.15 3.96
CA LEU A 88 -17.58 -6.96 5.12
C LEU A 88 -16.08 -6.96 5.33
N LEU A 89 -15.63 -6.53 6.51
CA LEU A 89 -14.21 -6.56 6.81
C LEU A 89 -13.70 -7.99 6.81
N SER A 90 -12.55 -8.19 6.19
CA SER A 90 -11.94 -9.51 6.12
C SER A 90 -10.84 -9.61 7.17
N ALA A 91 -10.57 -10.83 7.62
CA ALA A 91 -9.56 -11.11 8.61
C ALA A 91 -8.44 -11.92 7.99
N VAL A 92 -7.21 -11.53 8.28
CA VAL A 92 -6.03 -12.32 7.92
C VAL A 92 -5.27 -12.61 9.20
N ASN A 93 -4.71 -13.81 9.29
CA ASN A 93 -4.05 -14.28 10.50
C ASN A 93 -2.65 -14.78 10.17
N THR A 94 -1.79 -14.75 11.18
CA THR A 94 -0.48 -15.36 11.11
C THR A 94 -0.13 -15.88 12.49
N VAL A 95 0.32 -17.12 12.56
CA VAL A 95 0.77 -17.73 13.81
C VAL A 95 2.28 -17.59 13.87
N VAL A 96 2.79 -16.99 14.96
CA VAL A 96 4.21 -16.80 15.18
C VAL A 96 4.63 -17.74 16.29
N ASP A 97 5.50 -18.70 15.97
CA ASP A 97 5.99 -19.70 16.91
C ASP A 97 7.40 -19.36 17.33
N VAL A 98 7.64 -19.28 18.63
CA VAL A 98 8.98 -19.07 19.18
C VAL A 98 9.23 -20.11 20.25
N HIS A 99 10.35 -20.83 20.14
CA HIS A 99 10.75 -21.75 21.19
C HIS A 99 10.98 -20.98 22.49
N THR A 100 10.61 -21.60 23.60
CA THR A 100 10.76 -20.90 24.88
C THR A 100 12.21 -20.82 25.31
N ARG A 101 13.05 -21.74 24.84
CA ARG A 101 14.47 -21.65 25.18
C ARG A 101 15.15 -20.53 24.40
N ILE A 102 14.69 -20.26 23.18
CA ILE A 102 15.28 -19.19 22.37
C ILE A 102 14.95 -17.83 22.97
N SER A 103 13.72 -17.64 23.42
CA SER A 103 13.38 -16.37 24.06
C SER A 103 13.93 -16.28 25.47
N ASP A 104 14.00 -17.39 26.20
CA ASP A 104 14.51 -17.36 27.56
C ASP A 104 16.01 -17.09 27.59
N LEU A 105 16.77 -17.73 26.70
CA LEU A 105 18.22 -17.63 26.77
C LEU A 105 18.75 -16.40 26.05
N TYR A 106 18.27 -16.13 24.84
CA TYR A 106 18.94 -15.22 23.92
C TYR A 106 18.27 -13.86 23.80
N SER A 107 17.70 -13.34 24.88
CA SER A 107 16.93 -12.09 24.83
C SER A 107 17.69 -10.92 25.42
N ASN A 108 18.98 -10.82 25.15
CA ASN A 108 19.77 -9.72 25.67
C ASN A 108 20.84 -9.36 24.64
N PRO A 109 20.87 -8.12 24.12
CA PRO A 109 20.04 -6.97 24.48
C PRO A 109 18.74 -6.81 23.69
N HIS A 110 18.49 -7.71 22.74
CA HIS A 110 17.32 -7.65 21.88
C HIS A 110 16.33 -8.72 22.30
N ASP A 111 15.09 -8.33 22.51
CA ASP A 111 14.03 -9.29 22.80
C ASP A 111 13.72 -10.11 21.54
N GLN A 112 13.71 -11.44 21.70
CA GLN A 112 13.53 -12.32 20.55
C GLN A 112 12.09 -12.30 20.04
N ILE A 113 11.13 -12.38 20.95
CA ILE A 113 9.72 -12.35 20.56
C ILE A 113 9.36 -11.01 19.95
N ARG A 114 9.89 -9.93 20.52
CA ARG A 114 9.62 -8.60 19.99
C ARG A 114 10.06 -8.47 18.54
N GLU A 115 11.27 -8.92 18.22
CA GLU A 115 11.76 -8.84 16.85
C GLU A 115 10.99 -9.77 15.93
N GLN A 116 10.67 -10.97 16.41
CA GLN A 116 9.91 -11.91 15.59
C GLN A 116 8.57 -11.31 15.19
N LEU A 117 7.83 -10.77 16.16
CA LEU A 117 6.55 -10.16 15.86
C LEU A 117 6.71 -8.89 15.02
N ARG A 118 7.77 -8.12 15.23
CA ARG A 118 7.99 -6.92 14.44
C ARG A 118 8.14 -7.25 12.96
N LEU A 119 8.99 -8.22 12.65
CA LEU A 119 9.18 -8.60 11.25
C LEU A 119 7.91 -9.22 10.66
N THR A 120 7.19 -10.01 11.47
CA THR A 120 5.93 -10.57 11.00
C THR A 120 4.94 -9.47 10.62
N ILE A 121 4.82 -8.45 11.46
CA ILE A 121 3.86 -7.37 11.21
C ILE A 121 4.29 -6.54 10.01
N GLU A 122 5.59 -6.34 9.80
CA GLU A 122 6.03 -5.65 8.59
C GLU A 122 5.61 -6.41 7.33
N ILE A 123 5.83 -7.72 7.31
CA ILE A 123 5.44 -8.51 6.15
C ILE A 123 3.93 -8.48 5.97
N MET A 124 3.17 -8.53 7.07
CA MET A 124 1.72 -8.52 6.98
C MET A 124 1.20 -7.19 6.45
N LYS A 125 1.82 -6.08 6.83
CA LYS A 125 1.39 -4.78 6.31
C LYS A 125 1.77 -4.60 4.85
N GLU A 126 2.88 -5.16 4.40
CA GLU A 126 3.16 -5.18 2.97
C GLU A 126 2.07 -5.93 2.21
N ARG A 127 1.67 -7.08 2.74
CA ARG A 127 0.59 -7.83 2.12
C ARG A 127 -0.72 -7.04 2.16
N GLN A 128 -0.96 -6.31 3.24
CA GLN A 128 -2.18 -5.49 3.35
C GLN A 128 -2.23 -4.43 2.27
N GLU A 129 -1.12 -3.74 2.03
CA GLU A 129 -1.10 -2.75 0.95
C GLU A 129 -1.33 -3.41 -0.40
N SER A 130 -0.68 -4.55 -0.63
CA SER A 130 -0.89 -5.27 -1.89
C SER A 130 -2.34 -5.65 -2.09
N GLU A 131 -3.04 -5.99 -1.01
CA GLU A 131 -4.45 -6.35 -1.11
C GLU A 131 -5.36 -5.14 -1.25
N LEU A 132 -4.97 -4.00 -0.67
CA LEU A 132 -5.71 -2.78 -0.92
C LEU A 132 -5.67 -2.40 -2.39
N ILE A 133 -4.60 -2.76 -3.08
CA ILE A 133 -4.53 -2.49 -4.52
C ILE A 133 -5.14 -3.62 -5.35
N ASN A 134 -4.97 -4.88 -4.96
CA ASN A 134 -5.13 -6.00 -5.86
C ASN A 134 -6.16 -7.05 -5.46
N SER A 135 -6.86 -6.88 -4.34
CA SER A 135 -7.82 -7.90 -3.92
C SER A 135 -8.92 -8.05 -4.98
N ARG A 136 -9.57 -9.22 -4.97
CA ARG A 136 -10.68 -9.45 -5.88
C ARG A 136 -12.02 -9.06 -5.28
N GLU A 137 -12.15 -9.04 -3.97
CA GLU A 137 -13.38 -8.57 -3.34
C GLU A 137 -13.42 -7.05 -3.29
N TYR A 138 -12.51 -6.46 -2.54
CA TYR A 138 -12.26 -5.03 -2.60
C TYR A 138 -11.00 -4.80 -3.41
N GLY A 139 -10.46 -3.60 -3.41
CA GLY A 139 -9.27 -3.39 -4.18
C GLY A 139 -9.51 -2.52 -5.39
N LEU A 140 -8.66 -1.51 -5.56
CA LEU A 140 -8.95 -0.43 -6.51
C LEU A 140 -9.01 -0.95 -7.93
N LEU A 141 -8.11 -1.84 -8.31
CA LEU A 141 -8.02 -2.29 -9.70
C LEU A 141 -9.18 -3.14 -10.14
N ASN A 142 -10.02 -3.62 -9.21
CA ASN A 142 -11.19 -4.39 -9.56
C ASN A 142 -12.49 -3.62 -9.39
N ASN A 143 -12.53 -2.65 -8.49
CA ASN A 143 -13.71 -1.82 -8.28
C ASN A 143 -13.61 -0.49 -9.02
N VAL A 144 -13.40 -0.51 -10.33
CA VAL A 144 -13.37 0.70 -11.13
C VAL A 144 -14.51 0.67 -12.12
N ALA A 145 -15.32 1.72 -12.12
CA ALA A 145 -16.56 1.70 -12.87
C ALA A 145 -16.29 1.79 -14.37
N PRO A 146 -17.17 1.24 -15.20
CA PRO A 146 -17.05 1.45 -16.64
C PRO A 146 -17.21 2.91 -16.98
N GLY A 147 -16.38 3.39 -17.91
CA GLY A 147 -16.27 4.80 -18.19
C GLY A 147 -15.18 5.51 -17.42
N GLN A 148 -14.70 4.91 -16.34
CA GLN A 148 -13.56 5.42 -15.60
C GLN A 148 -12.26 4.73 -15.98
N LEU A 149 -12.29 3.90 -17.02
CA LEU A 149 -11.11 3.17 -17.47
C LEU A 149 -10.60 3.78 -18.77
N VAL A 150 -9.37 4.23 -18.76
CA VAL A 150 -8.74 4.85 -19.91
C VAL A 150 -7.69 3.89 -20.45
N HIS A 151 -7.40 4.03 -21.75
CA HIS A 151 -6.35 3.27 -22.40
C HIS A 151 -5.32 4.23 -22.97
N THR A 152 -4.07 3.80 -22.99
CA THR A 152 -3.02 4.61 -23.60
C THR A 152 -3.20 4.65 -25.12
N ARG A 153 -2.71 5.73 -25.72
CA ARG A 153 -2.82 5.88 -27.16
C ARG A 153 -1.69 5.17 -27.91
N ASN A 154 -0.47 5.22 -27.36
CA ASN A 154 0.69 4.64 -28.00
C ASN A 154 1.38 3.56 -27.19
N GLY A 155 1.03 3.41 -25.91
CA GLY A 155 1.66 2.42 -25.06
C GLY A 155 2.48 3.04 -23.96
N ALA A 156 3.25 4.06 -24.28
CA ALA A 156 4.01 4.73 -23.23
C ALA A 156 3.13 5.75 -22.53
N PRO A 157 3.31 5.95 -21.24
CA PRO A 157 2.48 6.90 -20.50
C PRO A 157 2.85 8.35 -20.78
N THR A 158 2.31 8.92 -21.83
CA THR A 158 2.57 10.30 -22.21
C THR A 158 1.74 11.26 -21.35
N PRO A 159 2.07 12.55 -21.38
CA PRO A 159 1.25 13.53 -20.63
C PRO A 159 -0.22 13.57 -21.03
N ASP A 160 -0.55 13.24 -22.28
CA ASP A 160 -1.95 13.24 -22.69
C ASP A 160 -2.76 12.19 -21.95
N ASP A 161 -2.15 11.04 -21.64
CA ASP A 161 -2.85 10.00 -20.89
C ASP A 161 -3.15 10.46 -19.48
N LEU A 162 -2.20 11.13 -18.83
CA LEU A 162 -2.46 11.62 -17.49
C LEU A 162 -3.44 12.78 -17.50
N ASP A 163 -3.51 13.53 -18.61
CA ASP A 163 -4.58 14.51 -18.75
C ASP A 163 -5.94 13.85 -18.93
N GLU A 164 -6.01 12.72 -19.62
CA GLU A 164 -7.26 11.97 -19.69
C GLU A 164 -7.70 11.52 -18.31
N LEU A 165 -6.77 10.95 -17.55
CA LEU A 165 -7.08 10.56 -16.18
C LEU A 165 -7.59 11.74 -15.38
N LEU A 166 -6.92 12.90 -15.49
CA LEU A 166 -7.36 14.07 -14.77
C LEU A 166 -8.69 14.60 -15.25
N ILE A 167 -9.10 14.25 -16.48
CA ILE A 167 -10.46 14.55 -16.91
C ILE A 167 -11.46 13.69 -16.14
N ARG A 168 -11.17 12.40 -15.99
CA ARG A 168 -12.14 11.51 -15.35
C ARG A 168 -12.35 11.86 -13.88
N VAL A 169 -11.31 12.31 -13.18
CA VAL A 169 -11.39 12.60 -11.76
C VAL A 169 -11.17 14.09 -11.56
N TRP A 170 -11.75 14.89 -12.43
CA TRP A 170 -11.53 16.34 -12.42
C TRP A 170 -11.94 17.00 -11.11
N LYS A 171 -12.81 16.37 -10.32
CA LYS A 171 -13.42 17.08 -9.21
C LYS A 171 -12.39 17.53 -8.18
N GLU A 172 -11.71 16.60 -7.51
CA GLU A 172 -10.64 16.96 -6.56
C GLU A 172 -9.64 15.82 -6.45
N PRO A 173 -8.84 15.60 -7.48
CA PRO A 173 -7.88 14.50 -7.44
C PRO A 173 -6.87 14.67 -6.32
N ALA A 174 -6.41 13.54 -5.78
CA ALA A 174 -5.48 13.55 -4.67
C ALA A 174 -4.09 13.09 -5.08
N PHE A 175 -3.98 11.95 -5.77
CA PHE A 175 -2.68 11.47 -6.18
C PHE A 175 -2.84 10.42 -7.28
N PHE A 176 -1.75 10.23 -8.02
CA PHE A 176 -1.59 9.10 -8.93
C PHE A 176 -0.88 7.98 -8.19
N LEU A 177 -1.19 6.74 -8.57
CA LEU A 177 -0.52 5.56 -8.02
C LEU A 177 0.02 4.73 -9.16
N ALA A 178 1.32 4.49 -9.16
CA ALA A 178 1.92 3.74 -10.26
C ALA A 178 3.17 3.03 -9.76
N HIS A 179 3.60 2.04 -10.53
CA HIS A 179 4.87 1.40 -10.29
C HIS A 179 6.00 2.39 -10.52
N PRO A 180 7.09 2.29 -9.78
CA PRO A 180 8.23 3.18 -10.02
C PRO A 180 8.75 3.16 -11.45
N GLN A 181 8.67 2.03 -12.13
CA GLN A 181 9.06 1.99 -13.54
C GLN A 181 8.08 2.76 -14.42
N ALA A 182 6.80 2.78 -14.07
CA ALA A 182 5.84 3.61 -14.81
C ALA A 182 6.12 5.09 -14.60
N ILE A 183 6.55 5.47 -13.39
CA ILE A 183 6.94 6.86 -13.14
C ILE A 183 8.18 7.23 -13.95
N ALA A 184 9.15 6.32 -14.03
CA ALA A 184 10.32 6.58 -14.86
C ALA A 184 9.95 6.70 -16.34
N ALA A 185 9.01 5.87 -16.80
CA ALA A 185 8.56 5.98 -18.19
C ALA A 185 7.86 7.30 -18.46
N PHE A 186 7.03 7.76 -17.52
CA PHE A 186 6.39 9.06 -17.68
C PHE A 186 7.44 10.16 -17.72
N GLY A 187 8.46 10.08 -16.88
CA GLY A 187 9.53 11.06 -16.92
C GLY A 187 10.26 11.08 -18.24
N ARG A 188 10.52 9.90 -18.81
CA ARG A 188 11.17 9.84 -20.12
C ARG A 188 10.30 10.47 -21.20
N GLU A 189 8.98 10.23 -21.13
CA GLU A 189 8.08 10.87 -22.09
C GLU A 189 8.08 12.38 -21.93
N CYS A 190 8.09 12.87 -20.69
CA CYS A 190 8.17 14.31 -20.45
C CYS A 190 9.47 14.89 -20.99
N THR A 191 10.59 14.18 -20.81
CA THR A 191 11.87 14.65 -21.31
C THR A 191 11.93 14.63 -22.84
N ARG A 192 11.21 13.72 -23.49
CA ARG A 192 11.18 13.78 -24.95
C ARG A 192 10.49 15.05 -25.43
N ARG A 193 9.37 15.42 -24.82
CA ARG A 193 8.83 16.76 -24.97
C ARG A 193 9.74 17.72 -24.21
N GLY A 194 9.45 19.00 -24.29
CA GLY A 194 10.35 19.87 -23.58
C GLY A 194 10.07 20.01 -22.11
N VAL A 195 9.11 19.25 -21.60
CA VAL A 195 8.50 19.52 -20.30
C VAL A 195 9.35 18.87 -19.22
N PRO A 196 9.92 19.62 -18.28
CA PRO A 196 10.33 19.05 -17.02
C PRO A 196 9.19 19.07 -16.02
N PRO A 197 8.69 17.91 -15.59
CA PRO A 197 7.59 17.91 -14.63
C PRO A 197 8.03 18.46 -13.28
N ALA A 198 7.09 19.08 -12.59
CA ALA A 198 7.38 19.67 -11.30
C ALA A 198 7.53 18.60 -10.23
N THR A 199 8.24 18.95 -9.15
CA THR A 199 8.51 18.04 -8.06
C THR A 199 8.05 18.65 -6.74
N VAL A 200 7.55 17.80 -5.85
CA VAL A 200 7.12 18.21 -4.52
C VAL A 200 7.74 17.26 -3.50
N SER A 201 7.72 17.70 -2.24
CA SER A 201 8.28 16.94 -1.13
C SER A 201 7.16 16.53 -0.19
N LEU A 202 7.02 15.22 0.03
CA LEU A 202 6.02 14.68 0.94
C LEU A 202 6.66 13.60 1.81
N PHE A 203 6.42 13.68 3.12
CA PHE A 203 6.99 12.75 4.09
C PHE A 203 8.50 12.70 4.03
N GLY A 204 9.13 13.82 3.68
CA GLY A 204 10.57 13.88 3.53
C GLY A 204 11.11 13.27 2.27
N SER A 205 10.25 12.92 1.31
CA SER A 205 10.66 12.29 0.06
C SER A 205 10.09 13.07 -1.11
N SER A 206 10.75 12.93 -2.26
CA SER A 206 10.42 13.69 -3.46
C SER A 206 9.60 12.85 -4.43
N PHE A 207 8.60 13.47 -5.04
CA PHE A 207 7.70 12.80 -5.98
C PHE A 207 7.48 13.67 -7.21
N ILE A 208 7.13 13.02 -8.32
CA ILE A 208 6.84 13.70 -9.59
C ILE A 208 5.35 14.02 -9.65
N THR A 209 5.02 15.22 -10.14
CA THR A 209 3.66 15.68 -10.22
C THR A 209 3.31 16.06 -11.66
N TRP A 210 2.02 15.95 -11.99
CA TRP A 210 1.50 16.40 -13.28
C TRP A 210 0.21 17.17 -13.03
N ARG A 211 0.20 18.45 -13.42
CA ARG A 211 -0.91 19.36 -13.18
C ARG A 211 -1.23 19.47 -11.69
N GLY A 212 -0.23 19.31 -10.84
CA GLY A 212 -0.39 19.46 -9.41
C GLY A 212 -0.76 18.20 -8.64
N VAL A 213 -1.00 17.10 -9.32
CA VAL A 213 -1.39 15.84 -8.68
C VAL A 213 -0.16 14.93 -8.69
N PRO A 214 0.36 14.54 -7.53
CA PRO A 214 1.63 13.80 -7.50
C PRO A 214 1.48 12.35 -7.95
N LEU A 215 2.59 11.80 -8.43
CA LEU A 215 2.70 10.39 -8.79
C LEU A 215 3.37 9.65 -7.64
N ILE A 216 2.66 8.70 -7.06
CA ILE A 216 3.12 7.97 -5.88
C ILE A 216 3.65 6.61 -6.32
N PRO A 217 4.83 6.21 -5.88
CA PRO A 217 5.35 4.90 -6.27
C PRO A 217 4.79 3.78 -5.39
N SER A 218 4.63 2.61 -6.01
CA SER A 218 4.21 1.43 -5.28
C SER A 218 4.57 0.22 -6.11
N ASP A 219 5.47 -0.62 -5.61
CA ASP A 219 5.82 -1.84 -6.32
C ASP A 219 4.72 -2.89 -6.27
N LYS A 220 3.65 -2.64 -5.54
CA LYS A 220 2.51 -3.54 -5.47
C LYS A 220 1.57 -3.41 -6.65
N VAL A 221 1.69 -2.36 -7.45
CA VAL A 221 0.92 -2.27 -8.69
C VAL A 221 1.48 -3.29 -9.69
N PRO A 222 0.65 -4.16 -10.26
CA PRO A 222 1.18 -5.27 -11.06
C PRO A 222 1.96 -4.81 -12.27
N LEU A 223 2.95 -5.62 -12.65
CA LEU A 223 3.81 -5.34 -13.79
C LEU A 223 4.18 -6.67 -14.41
N GLU A 224 3.75 -6.91 -15.66
CA GLU A 224 3.95 -8.21 -16.32
C GLU A 224 4.38 -7.97 -17.75
N ASN A 225 5.68 -8.10 -18.02
CA ASN A 225 6.26 -7.91 -19.35
C ASN A 225 6.01 -6.48 -19.85
N GLY A 226 6.47 -5.52 -19.06
CA GLY A 226 5.91 -4.19 -19.22
C GLY A 226 4.48 -4.23 -18.75
N LYS A 227 3.63 -3.41 -19.36
CA LYS A 227 2.18 -3.52 -19.21
C LYS A 227 1.75 -3.42 -17.74
N THR A 228 1.95 -2.24 -17.18
CA THR A 228 1.45 -1.92 -15.87
C THR A 228 0.19 -1.05 -15.99
N LYS A 229 -0.25 -0.48 -14.87
CA LYS A 229 -1.43 0.38 -14.82
C LYS A 229 -1.15 1.59 -13.96
N ILE A 230 -1.89 2.67 -14.20
CA ILE A 230 -1.78 3.90 -13.42
C ILE A 230 -3.17 4.27 -12.92
N LEU A 231 -3.25 4.67 -11.65
CA LEU A 231 -4.50 4.97 -10.98
C LEU A 231 -4.55 6.44 -10.59
N LEU A 232 -5.75 6.99 -10.55
CA LEU A 232 -5.96 8.33 -10.00
C LEU A 232 -7.09 8.27 -8.99
N LEU A 233 -6.84 8.75 -7.79
CA LEU A 233 -7.76 8.62 -6.67
C LEU A 233 -8.14 9.97 -6.11
N ARG A 234 -9.38 10.08 -5.66
CA ARG A 234 -9.81 11.10 -4.71
C ARG A 234 -10.13 10.40 -3.40
N VAL A 235 -9.53 10.84 -2.31
CA VAL A 235 -9.72 10.18 -1.02
C VAL A 235 -10.51 11.09 -0.10
N GLY A 236 -11.26 10.46 0.80
CA GLY A 236 -11.98 11.20 1.81
C GLY A 236 -13.45 10.87 1.90
N GLU A 237 -13.97 10.80 3.11
CA GLU A 237 -15.38 10.50 3.31
C GLU A 237 -16.26 11.70 3.00
N SER A 238 -15.79 12.91 3.35
CA SER A 238 -16.57 14.11 3.14
C SER A 238 -16.64 14.52 1.67
N ARG A 239 -15.67 14.12 0.86
CA ARG A 239 -15.65 14.43 -0.56
C ARG A 239 -16.25 13.32 -1.40
N GLN A 240 -16.80 12.28 -0.78
CA GLN A 240 -17.32 11.10 -1.47
C GLN A 240 -16.24 10.43 -2.30
N GLY A 241 -15.06 10.27 -1.70
CA GLY A 241 -13.96 9.60 -2.36
C GLY A 241 -13.69 8.20 -1.83
N VAL A 242 -12.45 7.79 -1.84
CA VAL A 242 -12.06 6.46 -1.40
C VAL A 242 -11.71 6.52 0.07
N VAL A 243 -12.17 5.53 0.83
CA VAL A 243 -11.91 5.45 2.26
C VAL A 243 -11.50 4.02 2.61
N GLY A 244 -10.60 3.89 3.56
CA GLY A 244 -10.27 2.60 4.12
C GLY A 244 -11.10 2.29 5.35
N LEU A 245 -11.31 1.01 5.59
CA LEU A 245 -12.21 0.55 6.65
C LEU A 245 -11.46 -0.38 7.59
N TYR A 246 -11.52 -0.10 8.89
CA TYR A 246 -10.87 -0.93 9.88
C TYR A 246 -11.81 -1.17 11.07
N GLN A 247 -11.43 -2.12 11.92
CA GLN A 247 -12.20 -2.51 13.08
C GLN A 247 -11.65 -1.82 14.32
N PRO A 248 -12.42 -0.96 14.98
CA PRO A 248 -11.81 -0.02 15.94
C PRO A 248 -11.35 -0.61 17.25
N ASN A 249 -12.13 -1.47 17.89
CA ASN A 249 -11.80 -1.95 19.23
C ASN A 249 -11.49 -3.44 19.15
N LEU A 250 -10.26 -3.80 19.52
CA LEU A 250 -9.81 -5.17 19.39
C LEU A 250 -9.14 -5.62 20.68
N PRO A 251 -9.27 -6.90 21.03
CA PRO A 251 -8.41 -7.45 22.09
C PRO A 251 -7.00 -7.66 21.58
N GLY A 252 -6.03 -7.17 22.34
CA GLY A 252 -4.66 -7.06 21.87
C GLY A 252 -4.34 -5.68 21.34
N GLU A 253 -4.88 -5.33 20.18
CA GLU A 253 -4.93 -3.94 19.70
C GLU A 253 -3.54 -3.29 19.72
N GLN A 254 -2.69 -3.77 18.82
CA GLN A 254 -1.36 -3.23 18.63
C GLN A 254 -1.31 -2.11 17.61
N GLY A 255 -2.44 -1.69 17.07
CA GLY A 255 -2.45 -0.71 16.01
C GLY A 255 -3.82 -0.61 15.40
N MET A 256 -3.90 0.10 14.28
CA MET A 256 -5.18 0.36 13.62
C MET A 256 -5.64 -0.89 12.91
N GLY A 257 -6.61 -1.60 13.51
CA GLY A 257 -7.10 -2.84 12.94
C GLY A 257 -6.17 -4.01 13.11
N LEU A 258 -5.27 -3.97 14.10
CA LEU A 258 -4.25 -5.00 14.29
C LEU A 258 -4.24 -5.45 15.73
N SER A 259 -4.13 -6.76 15.95
CA SER A 259 -4.09 -7.32 17.29
C SER A 259 -3.09 -8.47 17.35
N VAL A 260 -2.42 -8.58 18.49
CA VAL A 260 -1.53 -9.69 18.79
C VAL A 260 -2.02 -10.35 20.07
N ARG A 261 -2.18 -11.67 20.04
CA ARG A 261 -2.69 -12.42 21.18
C ARG A 261 -1.86 -13.67 21.40
N PHE A 262 -1.70 -14.01 22.68
CA PHE A 262 -0.98 -15.21 23.07
C PHE A 262 -1.86 -16.43 22.93
N MET A 263 -1.37 -17.45 22.21
CA MET A 263 -2.15 -18.64 21.92
C MET A 263 -1.89 -19.77 22.92
N GLY A 264 -0.67 -19.95 23.39
CA GLY A 264 -0.35 -20.96 24.37
C GLY A 264 0.99 -21.58 24.07
N ILE A 265 1.30 -22.66 24.79
CA ILE A 265 2.55 -23.40 24.67
C ILE A 265 2.22 -24.87 24.44
N ASN A 266 2.89 -25.50 23.49
CA ASN A 266 2.60 -26.88 23.17
C ASN A 266 3.54 -27.82 23.91
N ARG A 267 3.42 -29.13 23.64
CA ARG A 267 4.19 -30.13 24.36
C ARG A 267 5.68 -30.04 24.05
N LYS A 268 6.06 -29.42 22.94
CA LYS A 268 7.44 -29.25 22.56
C LYS A 268 7.99 -27.90 22.96
N ALA A 269 7.31 -27.19 23.85
CA ALA A 269 7.75 -25.90 24.38
C ALA A 269 7.85 -24.84 23.29
N LEU A 270 6.87 -24.81 22.39
CA LEU A 270 6.72 -23.77 21.39
C LEU A 270 5.62 -22.82 21.83
N ALA A 271 5.97 -21.56 22.05
CA ALA A 271 4.98 -20.53 22.35
C ALA A 271 4.51 -19.88 21.07
N SER A 272 3.19 -19.78 20.90
CA SER A 272 2.59 -19.27 19.67
C SER A 272 1.86 -17.96 19.93
N TYR A 273 1.90 -17.08 18.95
CA TYR A 273 1.22 -15.80 19.00
C TYR A 273 0.38 -15.64 17.73
N LEU A 274 -0.81 -15.07 17.89
CA LEU A 274 -1.71 -14.83 16.77
C LEU A 274 -1.70 -13.35 16.44
N VAL A 275 -1.40 -13.04 15.18
CA VAL A 275 -1.45 -11.66 14.67
C VAL A 275 -2.60 -11.59 13.69
N SER A 276 -3.53 -10.67 13.95
CA SER A 276 -4.74 -10.51 13.14
C SER A 276 -4.84 -9.09 12.62
N LEU A 277 -5.23 -8.96 11.35
CA LEU A 277 -5.33 -7.66 10.69
C LEU A 277 -6.66 -7.59 9.94
N TYR A 278 -7.48 -6.61 10.29
CA TYR A 278 -8.81 -6.44 9.71
C TYR A 278 -8.85 -5.16 8.89
N CYS A 279 -9.29 -5.27 7.64
CA CYS A 279 -9.21 -4.15 6.72
C CYS A 279 -10.19 -4.34 5.57
N SER A 280 -10.48 -3.24 4.88
CA SER A 280 -11.28 -3.25 3.65
C SER A 280 -11.14 -1.87 3.01
N LEU A 281 -11.90 -1.64 1.94
CA LEU A 281 -11.79 -0.40 1.18
C LEU A 281 -13.06 -0.17 0.39
N ALA A 282 -13.56 1.07 0.43
CA ALA A 282 -14.80 1.44 -0.23
C ALA A 282 -14.62 2.66 -1.12
N VAL A 283 -15.07 2.56 -2.36
CA VAL A 283 -15.11 3.68 -3.29
C VAL A 283 -16.52 4.26 -3.24
N LEU A 284 -16.66 5.45 -2.65
CA LEU A 284 -17.99 5.92 -2.26
C LEU A 284 -18.82 6.33 -3.48
N THR A 285 -18.22 7.02 -4.44
CA THR A 285 -18.87 7.33 -5.70
C THR A 285 -17.96 6.89 -6.83
N ASP A 286 -18.55 6.58 -7.97
CA ASP A 286 -17.82 5.91 -9.03
C ASP A 286 -16.86 6.82 -9.77
N ASP A 287 -16.97 8.14 -9.62
CA ASP A 287 -16.04 9.07 -10.26
C ASP A 287 -14.92 9.50 -9.32
N ALA A 288 -14.67 8.73 -8.26
CA ALA A 288 -13.57 9.00 -7.35
C ALA A 288 -12.30 8.24 -7.74
N LEU A 289 -12.37 7.35 -8.71
CA LEU A 289 -11.24 6.53 -9.10
C LEU A 289 -11.26 6.28 -10.60
N ALA A 290 -10.12 6.46 -11.25
CA ALA A 290 -9.94 6.16 -12.66
C ALA A 290 -8.62 5.41 -12.86
N VAL A 291 -8.60 4.54 -13.86
CA VAL A 291 -7.44 3.70 -14.13
C VAL A 291 -7.04 3.86 -15.58
N LEU A 292 -5.78 4.18 -15.83
CA LEU A 292 -5.19 4.15 -17.16
C LEU A 292 -4.60 2.77 -17.39
N ASP A 293 -5.06 2.09 -18.45
CA ASP A 293 -4.74 0.70 -18.67
C ASP A 293 -3.74 0.56 -19.80
N ASN A 294 -3.00 -0.55 -19.79
CA ASN A 294 -2.11 -0.96 -20.88
C ASN A 294 -0.93 0.01 -21.04
N VAL A 295 -0.22 0.25 -19.94
CA VAL A 295 0.90 1.19 -19.90
C VAL A 295 2.19 0.42 -20.12
N ASP A 296 2.98 0.85 -21.11
CA ASP A 296 4.22 0.16 -21.47
C ASP A 296 5.41 0.96 -20.93
N VAL A 297 6.31 0.27 -20.24
CA VAL A 297 7.40 0.91 -19.52
C VAL A 297 8.76 0.59 -20.13
N THR A 298 8.80 -0.02 -21.32
CA THR A 298 10.04 -0.53 -21.89
C THR A 298 10.46 0.24 -23.13
N GLN A 299 9.97 1.44 -23.33
CA GLN A 299 10.26 2.23 -24.53
C GLN A 299 11.26 3.34 -24.19
N TYR A 300 12.31 3.44 -25.01
CA TYR A 300 13.33 4.47 -24.85
C TYR A 300 13.50 5.20 -26.17
N HIS A 301 13.66 6.52 -26.09
CA HIS A 301 13.83 7.35 -27.27
C HIS A 301 15.29 7.43 -27.66
N THR A 302 15.53 7.43 -28.97
CA THR A 302 16.86 7.65 -29.52
C THR A 302 16.95 9.12 -29.95
N TYR A 303 17.83 9.86 -29.32
CA TYR A 303 17.99 11.28 -29.59
C TYR A 303 19.04 11.48 -30.68
N ARG A 304 18.61 12.04 -31.81
CA ARG A 304 19.48 12.26 -32.95
C ARG A 304 19.37 13.70 -33.39
N TYR A 305 20.51 14.40 -33.46
CA TYR A 305 20.51 15.82 -33.79
C TYR A 305 21.29 16.10 -35.06
#